data_6H8Z
#
_entry.id   6H8Z
#
_cell.length_a   47.267
_cell.length_b   53.887
_cell.length_c   82.269
_cell.angle_alpha   90.00
_cell.angle_beta   90.00
_cell.angle_gamma   90.00
#
_symmetry.space_group_name_H-M   'P 21 21 21'
#
loop_
_entity.id
_entity.type
_entity.pdbx_description
1 polymer Beta-phosphoglucomutase
2 non-polymer 'MAGNESIUM ION'
3 non-polymer TRIFLUOROMAGNESATE
4 non-polymer 1,2-ETHANEDIOL
5 water water
#
_entity_poly.entity_id   1
_entity_poly.type   'polypeptide(L)'
_entity_poly.pdbx_seq_one_letter_code
;MFKAVLFDLDGVITDAAEYHFRAWKALAEEIGINGVDRQFNEQLKGVSREDSLQKILDLADKKVSAEEFKELAKRKNDNY
VKMIQDVSPADVYPGILQLLKDLRSNKIKIALASASKNGPFLLERMNLTGYFDAIADPAEVAASKPAPDIFIAAAHAVGV
APSESIGLEDSQAGIQAIKDSGALPIGVGRPEDLGDDIVIVPDTSHYTLEFLKEVWLQKQK
;
_entity_poly.pdbx_strand_id   A
#
loop_
_chem_comp.id
_chem_comp.type
_chem_comp.name
_chem_comp.formula
EDO non-polymer 1,2-ETHANEDIOL 'C2 H6 O2'
MG non-polymer 'MAGNESIUM ION' 'Mg 2'
MGF non-polymer TRIFLUOROMAGNESATE 'F3 Mg -1'
#
# COMPACT_ATOMS: atom_id res chain seq x y z
N MET A 1 -15.71 20.68 -5.61
CA MET A 1 -15.38 19.24 -5.60
C MET A 1 -13.91 19.01 -5.21
N PHE A 2 -13.60 17.84 -4.65
CA PHE A 2 -12.22 17.39 -4.44
C PHE A 2 -11.39 17.47 -5.72
N LYS A 3 -10.15 17.89 -5.56
CA LYS A 3 -9.21 18.06 -6.69
C LYS A 3 -8.16 16.95 -6.85
N ALA A 4 -8.12 15.98 -5.92
CA ALA A 4 -7.11 14.91 -5.94
C ALA A 4 -7.62 13.73 -5.14
N VAL A 5 -7.15 12.54 -5.54
CA VAL A 5 -7.34 11.32 -4.77
C VAL A 5 -5.96 10.74 -4.51
N LEU A 6 -5.67 10.47 -3.23
CA LEU A 6 -4.40 9.97 -2.76
C LEU A 6 -4.62 8.46 -2.48
N PHE A 7 -4.00 7.63 -3.32
CA PHE A 7 -4.22 6.19 -3.35
C PHE A 7 -3.13 5.53 -2.51
N ASP A 8 -3.53 4.81 -1.47
CA ASP A 8 -2.68 3.78 -0.96
C ASP A 8 -2.56 2.68 -2.05
N LEU A 9 -1.53 1.84 -1.98
CA LEU A 9 -1.37 0.77 -2.97
C LEU A 9 -1.87 -0.56 -2.46
N ASP A 10 -1.18 -1.08 -1.45
CA ASP A 10 -1.48 -2.40 -0.90
C ASP A 10 -2.87 -2.44 -0.24
N GLY A 11 -3.73 -3.31 -0.75
CA GLY A 11 -5.11 -3.46 -0.25
C GLY A 11 -6.11 -2.51 -0.87
N VAL A 12 -5.66 -1.67 -1.81
CA VAL A 12 -6.53 -0.72 -2.48
C VAL A 12 -6.43 -0.94 -3.97
N ILE A 13 -5.23 -0.78 -4.52
CA ILE A 13 -4.94 -1.03 -5.93
C ILE A 13 -4.69 -2.50 -6.21
N THR A 14 -3.97 -3.16 -5.31
CA THR A 14 -3.60 -4.54 -5.53
C THR A 14 -3.15 -5.17 -4.24
N ASP A 15 -3.00 -6.49 -4.28
CA ASP A 15 -2.43 -7.24 -3.18
C ASP A 15 -0.91 -7.30 -3.34
N ALA A 16 -0.22 -6.27 -2.84
CA ALA A 16 1.22 -6.20 -2.86
C ALA A 16 1.87 -7.09 -1.79
N ALA A 17 1.21 -7.24 -0.64
CA ALA A 17 1.72 -8.02 0.51
C ALA A 17 1.94 -9.50 0.23
N GLU A 18 1.03 -10.11 -0.52
CA GLU A 18 1.14 -11.51 -0.93
C GLU A 18 2.57 -11.87 -1.41
N TYR A 19 3.21 -10.97 -2.16
CA TYR A 19 4.55 -11.22 -2.72
C TYR A 19 5.63 -11.23 -1.66
N HIS A 20 5.62 -10.26 -0.75
CA HIS A 20 6.58 -10.31 0.33
C HIS A 20 6.37 -11.56 1.22
N PHE A 21 5.10 -11.87 1.50
CA PHE A 21 4.75 -13.07 2.30
C PHE A 21 5.34 -14.31 1.64
N ARG A 22 5.00 -14.55 0.37
CA ARG A 22 5.44 -15.74 -0.38
C ARG A 22 6.96 -15.86 -0.44
N ALA A 23 7.67 -14.72 -0.53
CA ALA A 23 9.15 -14.66 -0.52
C ALA A 23 9.78 -15.11 0.81
N TRP A 24 9.22 -14.63 1.91
CA TRP A 24 9.69 -15.05 3.24
C TRP A 24 9.37 -16.49 3.54
N LYS A 25 8.17 -16.92 3.16
CA LYS A 25 7.75 -18.30 3.30
C LYS A 25 8.66 -19.28 2.57
N ALA A 26 9.04 -18.91 1.34
CA ALA A 26 9.92 -19.73 0.53
C ALA A 26 11.32 -19.79 1.13
N LEU A 27 11.82 -18.64 1.57
CA LEU A 27 13.11 -18.63 2.18
C LEU A 27 13.15 -19.49 3.46
N ALA A 28 12.15 -19.32 4.33
CA ALA A 28 12.06 -20.12 5.55
C ALA A 28 12.07 -21.61 5.23
N GLU A 29 11.17 -22.01 4.32
CA GLU A 29 11.05 -23.39 3.85
C GLU A 29 12.39 -23.90 3.39
N GLU A 30 13.05 -23.15 2.51
CA GLU A 30 14.36 -23.48 1.98
C GLU A 30 15.40 -23.75 3.06
N ILE A 31 15.44 -22.96 4.13
CA ILE A 31 16.45 -23.16 5.19
C ILE A 31 15.94 -23.95 6.40
N GLY A 32 14.74 -24.49 6.31
CA GLY A 32 14.23 -25.47 7.26
C GLY A 32 13.73 -24.85 8.55
N ILE A 33 13.04 -23.71 8.44
CA ILE A 33 12.37 -23.08 9.56
C ILE A 33 10.90 -23.14 9.30
N ASN A 34 10.17 -23.68 10.27
CA ASN A 34 8.74 -23.84 10.19
C ASN A 34 8.09 -22.67 10.95
N GLY A 35 6.83 -22.37 10.64
CA GLY A 35 6.05 -21.34 11.36
C GLY A 35 5.62 -20.09 10.60
N VAL A 36 6.24 -19.78 9.46
CA VAL A 36 5.82 -18.60 8.68
C VAL A 36 4.56 -18.96 7.86
N ASP A 37 3.40 -18.63 8.42
CA ASP A 37 2.10 -18.77 7.74
C ASP A 37 1.39 -17.42 7.69
N ARG A 38 0.24 -17.38 6.99
CA ARG A 38 -0.49 -16.13 6.73
C ARG A 38 -0.70 -15.29 7.99
N GLN A 39 -1.17 -15.92 9.07
CA GLN A 39 -1.26 -15.26 10.38
C GLN A 39 0.09 -14.72 10.85
N PHE A 40 1.12 -15.54 10.85
CA PHE A 40 2.44 -15.05 11.26
C PHE A 40 2.95 -13.87 10.39
N ASN A 41 2.45 -13.74 9.17
CA ASN A 41 2.90 -12.64 8.25
C ASN A 41 2.53 -11.25 8.76
N GLU A 42 1.45 -11.15 9.53
CA GLU A 42 1.18 -10.05 10.49
C GLU A 42 2.45 -9.45 11.09
N GLN A 43 3.32 -10.33 11.60
CA GLN A 43 4.58 -9.95 12.24
C GLN A 43 5.56 -9.32 11.27
N LEU A 44 5.47 -9.73 10.00
CA LEU A 44 6.38 -9.31 8.94
C LEU A 44 5.86 -8.14 8.11
N LYS A 45 4.54 -7.96 8.05
CA LYS A 45 3.94 -6.94 7.19
C LYS A 45 4.15 -5.57 7.82
N GLY A 46 4.64 -4.63 7.02
CA GLY A 46 5.00 -3.29 7.49
C GLY A 46 6.32 -3.23 8.25
N VAL A 47 7.07 -4.34 8.25
CA VAL A 47 8.28 -4.47 9.06
C VAL A 47 9.49 -4.53 8.13
N SER A 48 10.58 -3.88 8.56
CA SER A 48 11.87 -3.90 7.87
C SER A 48 12.21 -5.31 7.33
N ARG A 49 12.91 -5.37 6.21
CA ARG A 49 13.33 -6.66 5.66
C ARG A 49 14.32 -7.39 6.62
N GLU A 50 15.13 -6.62 7.34
CA GLU A 50 16.17 -7.16 8.21
C GLU A 50 15.62 -7.60 9.57
N ASP A 51 14.67 -6.82 10.11
CA ASP A 51 13.90 -7.22 11.29
C ASP A 51 13.13 -8.47 10.95
N SER A 52 12.54 -8.50 9.75
CA SER A 52 11.80 -9.67 9.29
C SER A 52 12.69 -10.92 9.24
N LEU A 53 13.89 -10.81 8.69
CA LEU A 53 14.78 -11.98 8.60
C LEU A 53 15.13 -12.47 10.01
N GLN A 54 15.42 -11.53 10.91
CA GLN A 54 15.77 -11.86 12.31
C GLN A 54 14.64 -12.57 13.08
N LYS A 55 13.41 -12.10 12.93
CA LYS A 55 12.25 -12.80 13.51
C LYS A 55 12.13 -14.24 13.01
N ILE A 56 12.43 -14.44 11.72
CA ILE A 56 12.35 -15.76 11.13
C ILE A 56 13.44 -16.67 11.72
N LEU A 57 14.67 -16.15 11.83
CA LEU A 57 15.76 -16.90 12.47
C LEU A 57 15.43 -17.27 13.94
N ASP A 58 14.80 -16.35 14.64
CA ASP A 58 14.40 -16.58 16.03
C ASP A 58 13.33 -17.67 16.18
N LEU A 59 12.53 -17.94 15.16
CA LEU A 59 11.63 -19.11 15.20
C LEU A 59 12.38 -20.44 15.45
N ALA A 60 13.64 -20.52 14.99
CA ALA A 60 14.49 -21.71 15.14
C ALA A 60 15.71 -21.44 16.00
N ASP A 61 15.76 -20.29 16.68
CA ASP A 61 16.87 -19.92 17.54
C ASP A 61 18.21 -20.03 16.84
N LYS A 62 18.24 -19.74 15.53
CA LYS A 62 19.50 -19.78 14.77
C LYS A 62 20.20 -18.43 14.81
N LYS A 63 21.51 -18.47 14.92
CA LYS A 63 22.34 -17.30 14.80
C LYS A 63 23.23 -17.52 13.60
N VAL A 64 23.62 -16.42 12.94
CA VAL A 64 24.43 -16.49 11.72
C VAL A 64 25.42 -15.34 11.69
N SER A 65 26.47 -15.49 10.89
CA SER A 65 27.39 -14.40 10.59
C SER A 65 26.71 -13.31 9.79
N ALA A 66 27.40 -12.19 9.68
CA ALA A 66 26.94 -11.08 8.87
C ALA A 66 26.86 -11.47 7.40
N GLU A 67 27.84 -12.22 6.93
CA GLU A 67 27.87 -12.67 5.55
C GLU A 67 26.71 -13.64 5.25
N GLU A 68 26.42 -14.57 6.15
CA GLU A 68 25.27 -15.45 5.95
C GLU A 68 23.94 -14.68 6.03
N PHE A 69 23.81 -13.76 6.99
CA PHE A 69 22.66 -12.82 7.02
C PHE A 69 22.46 -12.07 5.68
N LYS A 70 23.54 -11.50 5.16
CA LYS A 70 23.52 -10.83 3.87
C LYS A 70 23.07 -11.78 2.77
N GLU A 71 23.65 -12.96 2.74
CA GLU A 71 23.25 -13.98 1.78
C GLU A 71 21.76 -14.27 1.83
N LEU A 72 21.21 -14.46 3.04
CA LEU A 72 19.81 -14.80 3.22
C LEU A 72 18.90 -13.63 2.83
N ALA A 73 19.30 -12.41 3.20
CA ALA A 73 18.61 -11.17 2.77
C ALA A 73 18.52 -11.05 1.24
N LYS A 74 19.65 -11.26 0.56
CA LYS A 74 19.71 -11.27 -0.89
C LYS A 74 18.78 -12.34 -1.48
N ARG A 75 18.80 -13.52 -0.88
CA ARG A 75 17.92 -14.58 -1.35
C ARG A 75 16.45 -14.18 -1.27
N LYS A 76 16.04 -13.57 -0.16
CA LYS A 76 14.67 -13.11 -0.10
C LYS A 76 14.39 -12.05 -1.18
N ASN A 77 15.32 -11.12 -1.38
CA ASN A 77 15.17 -10.13 -2.46
C ASN A 77 15.02 -10.74 -3.84
N ASP A 78 15.89 -11.68 -4.14
CA ASP A 78 15.85 -12.39 -5.41
C ASP A 78 14.51 -13.06 -5.57
N ASN A 79 14.03 -13.71 -4.50
CA ASN A 79 12.73 -14.37 -4.49
C ASN A 79 11.61 -13.36 -4.78
N TYR A 80 11.61 -12.28 -4.01
CA TYR A 80 10.58 -11.26 -4.11
C TYR A 80 10.55 -10.66 -5.52
N VAL A 81 11.70 -10.25 -6.02
CA VAL A 81 11.76 -9.57 -7.31
C VAL A 81 11.37 -10.47 -8.47
N LYS A 82 11.74 -11.74 -8.42
CA LYS A 82 11.33 -12.70 -9.41
C LYS A 82 9.81 -12.79 -9.42
N MET A 83 9.20 -12.87 -8.23
CA MET A 83 7.76 -13.02 -8.15
C MET A 83 6.99 -11.81 -8.70
N ILE A 84 7.49 -10.60 -8.43
CA ILE A 84 6.78 -9.40 -8.89
C ILE A 84 6.90 -9.13 -10.38
N GLN A 85 7.82 -9.82 -11.05
CA GLN A 85 7.89 -9.78 -12.52
C GLN A 85 6.60 -10.31 -13.13
N ASP A 86 5.89 -11.17 -12.42
CA ASP A 86 4.61 -11.72 -12.90
C ASP A 86 3.35 -10.86 -12.64
N VAL A 87 3.50 -9.75 -11.94
CA VAL A 87 2.39 -8.81 -11.76
C VAL A 87 2.00 -8.25 -13.12
N SER A 88 0.70 -8.13 -13.35
CA SER A 88 0.13 -7.67 -14.62
C SER A 88 -1.12 -6.83 -14.34
N PRO A 89 -1.75 -6.27 -15.41
CA PRO A 89 -3.05 -5.64 -15.23
C PRO A 89 -4.14 -6.53 -14.63
N ALA A 90 -4.01 -7.85 -14.70
CA ALA A 90 -5.01 -8.75 -14.08
C ALA A 90 -4.98 -8.69 -12.55
N ASP A 91 -3.88 -8.18 -11.97
CA ASP A 91 -3.74 -8.02 -10.55
C ASP A 91 -4.38 -6.74 -9.97
N VAL A 92 -4.94 -5.88 -10.82
CA VAL A 92 -5.61 -4.67 -10.37
C VAL A 92 -6.94 -5.07 -9.70
N TYR A 93 -7.19 -4.51 -8.53
CA TYR A 93 -8.39 -4.79 -7.77
C TYR A 93 -9.61 -4.25 -8.52
N PRO A 94 -10.78 -4.91 -8.37
CA PRO A 94 -11.98 -4.45 -9.11
C PRO A 94 -12.36 -2.99 -8.81
N GLY A 95 -12.85 -2.28 -9.82
CA GLY A 95 -13.22 -0.87 -9.70
C GLY A 95 -12.10 0.13 -9.94
N ILE A 96 -10.86 -0.27 -9.65
CA ILE A 96 -9.76 0.69 -9.56
C ILE A 96 -9.42 1.25 -10.94
N LEU A 97 -9.34 0.38 -11.97
CA LEU A 97 -8.96 0.86 -13.31
C LEU A 97 -10.02 1.83 -13.80
N GLN A 98 -11.29 1.44 -13.67
CA GLN A 98 -12.40 2.32 -14.07
C GLN A 98 -12.40 3.61 -13.25
N LEU A 99 -12.11 3.51 -11.95
CA LEU A 99 -11.99 4.73 -11.13
C LEU A 99 -10.89 5.66 -11.65
N LEU A 100 -9.72 5.11 -11.96
CA LEU A 100 -8.60 5.92 -12.44
C LEU A 100 -8.91 6.62 -13.76
N LYS A 101 -9.54 5.88 -14.68
CA LYS A 101 -10.01 6.47 -15.92
C LYS A 101 -11.02 7.58 -15.68
N ASP A 102 -12.01 7.33 -14.84
CA ASP A 102 -13.04 8.34 -14.53
C ASP A 102 -12.42 9.57 -13.86
N LEU A 103 -11.49 9.38 -12.92
CA LEU A 103 -10.80 10.52 -12.31
C LEU A 103 -10.00 11.34 -13.30
N ARG A 104 -9.29 10.66 -14.19
CA ARG A 104 -8.61 11.36 -15.27
C ARG A 104 -9.67 11.95 -16.27
N SER A 105 -10.75 11.22 -16.58
CA SER A 105 -11.87 11.73 -17.43
C SER A 105 -12.50 12.98 -16.84
N ASN A 106 -12.42 13.10 -15.52
CA ASN A 106 -12.92 14.25 -14.78
C ASN A 106 -11.85 15.27 -14.36
N LYS A 107 -10.61 15.08 -14.82
N LYS A 107 -10.61 15.10 -14.83
CA LYS A 107 -9.50 16.01 -14.54
CA LYS A 107 -9.46 16.00 -14.52
C LYS A 107 -9.15 16.15 -13.03
C LYS A 107 -9.04 16.10 -13.03
N ILE A 108 -9.34 15.08 -12.25
CA ILE A 108 -8.93 15.09 -10.83
C ILE A 108 -7.51 14.50 -10.72
N LYS A 109 -6.65 15.13 -9.94
CA LYS A 109 -5.30 14.62 -9.74
C LYS A 109 -5.27 13.25 -9.03
N ILE A 110 -4.27 12.46 -9.41
CA ILE A 110 -4.07 11.11 -8.89
C ILE A 110 -2.64 10.96 -8.38
N ALA A 111 -2.53 10.58 -7.12
CA ALA A 111 -1.23 10.38 -6.52
C ALA A 111 -1.19 9.11 -5.67
N LEU A 112 -0.01 8.50 -5.62
CA LEU A 112 0.22 7.34 -4.79
C LEU A 112 0.78 7.72 -3.47
N ALA A 113 0.17 7.15 -2.42
CA ALA A 113 0.59 7.40 -1.05
C ALA A 113 0.81 6.05 -0.36
N SER A 114 1.79 5.28 -0.84
CA SER A 114 2.05 3.92 -0.39
C SER A 114 3.35 3.80 0.35
N ALA A 115 3.35 2.91 1.35
CA ALA A 115 4.59 2.53 2.04
C ALA A 115 5.51 1.64 1.14
N SER A 116 4.98 1.11 0.03
CA SER A 116 5.77 0.28 -0.89
C SER A 116 6.94 1.04 -1.53
N LYS A 117 8.14 0.55 -1.29
CA LYS A 117 9.33 1.01 -1.99
C LYS A 117 9.37 0.47 -3.40
N ASN A 118 8.46 -0.42 -3.80
CA ASN A 118 8.40 -0.88 -5.20
C ASN A 118 7.13 -0.37 -5.95
N GLY A 119 6.55 0.73 -5.46
CA GLY A 119 5.35 1.30 -6.06
C GLY A 119 5.44 1.64 -7.52
N PRO A 120 6.50 2.35 -7.92
CA PRO A 120 6.62 2.66 -9.35
C PRO A 120 6.69 1.45 -10.25
N PHE A 121 7.51 0.46 -9.85
CA PHE A 121 7.64 -0.80 -10.62
C PHE A 121 6.29 -1.47 -10.67
N LEU A 122 5.57 -1.50 -9.54
CA LEU A 122 4.31 -2.22 -9.49
C LEU A 122 3.26 -1.54 -10.35
N LEU A 123 3.24 -0.20 -10.35
CA LEU A 123 2.29 0.52 -11.19
C LEU A 123 2.60 0.26 -12.68
N GLU A 124 3.89 0.23 -13.01
CA GLU A 124 4.33 -0.04 -14.39
C GLU A 124 3.84 -1.40 -14.84
N ARG A 125 4.08 -2.43 -14.00
CA ARG A 125 3.61 -3.80 -14.26
C ARG A 125 2.08 -3.89 -14.46
N MET A 126 1.33 -3.09 -13.71
CA MET A 126 -0.12 -3.07 -13.81
C MET A 126 -0.67 -2.19 -14.92
N ASN A 127 0.24 -1.54 -15.66
CA ASN A 127 -0.11 -0.60 -16.71
C ASN A 127 -0.93 0.58 -16.17
N LEU A 128 -0.55 1.07 -14.98
CA LEU A 128 -1.23 2.20 -14.34
C LEU A 128 -0.43 3.48 -14.31
N THR A 129 0.85 3.40 -14.65
CA THR A 129 1.73 4.56 -14.55
C THR A 129 1.12 5.78 -15.19
N GLY A 130 0.55 5.61 -16.38
CA GLY A 130 -0.03 6.72 -17.13
C GLY A 130 -1.11 7.51 -16.42
N TYR A 131 -1.84 6.87 -15.50
CA TYR A 131 -2.89 7.56 -14.74
C TYR A 131 -2.37 8.46 -13.60
N PHE A 132 -1.15 8.18 -13.10
CA PHE A 132 -0.62 8.85 -11.91
C PHE A 132 0.08 10.16 -12.19
N ASP A 133 -0.34 11.22 -11.50
CA ASP A 133 0.32 12.52 -11.59
C ASP A 133 1.57 12.56 -10.76
N ALA A 134 1.58 11.79 -9.68
CA ALA A 134 2.73 11.74 -8.79
C ALA A 134 2.74 10.50 -7.90
N ILE A 135 3.93 10.20 -7.41
CA ILE A 135 4.13 9.11 -6.48
C ILE A 135 4.88 9.71 -5.33
N ALA A 136 4.26 9.68 -4.15
CA ALA A 136 4.95 10.17 -2.98
C ALA A 136 5.97 9.08 -2.59
N ASP A 137 7.22 9.48 -2.47
CA ASP A 137 8.29 8.52 -2.19
C ASP A 137 8.40 8.21 -0.70
N PRO A 138 8.07 6.95 -0.29
CA PRO A 138 8.12 6.65 1.14
C PRO A 138 9.52 6.78 1.72
N ALA A 139 10.58 6.68 0.91
CA ALA A 139 11.94 6.90 1.41
C ALA A 139 12.19 8.31 1.84
N GLU A 140 11.41 9.27 1.34
CA GLU A 140 11.55 10.71 1.67
C GLU A 140 10.69 11.27 2.81
N VAL A 141 9.95 10.44 3.51
CA VAL A 141 9.19 10.92 4.68
C VAL A 141 9.87 10.40 5.92
N ALA A 142 9.88 11.21 6.99
CA ALA A 142 10.49 10.80 8.24
C ALA A 142 9.64 9.81 9.06
N ALA A 143 8.31 9.83 8.92
CA ALA A 143 7.44 8.97 9.73
C ALA A 143 6.46 8.19 8.86
N SER A 144 6.28 6.92 9.13
CA SER A 144 5.29 6.13 8.41
C SER A 144 3.90 6.31 9.03
N LYS A 145 2.89 5.87 8.29
CA LYS A 145 1.54 5.72 8.78
C LYS A 145 1.64 5.07 10.19
N PRO A 146 0.96 5.58 11.23
CA PRO A 146 -0.17 6.50 11.13
C PRO A 146 0.16 7.96 11.07
N ALA A 147 1.45 8.33 10.99
CA ALA A 147 1.77 9.75 10.81
C ALA A 147 1.27 10.21 9.45
N PRO A 148 0.86 11.47 9.34
CA PRO A 148 0.24 11.98 8.11
C PRO A 148 1.18 12.24 6.93
N ASP A 149 2.49 12.14 7.15
CA ASP A 149 3.54 12.71 6.27
C ASP A 149 3.38 12.31 4.79
N ILE A 150 3.17 11.02 4.57
CA ILE A 150 3.04 10.45 3.22
C ILE A 150 1.80 10.97 2.44
N PHE A 151 0.69 11.18 3.13
CA PHE A 151 -0.50 11.81 2.50
C PHE A 151 -0.31 13.33 2.24
N ILE A 152 0.33 14.00 3.17
CA ILE A 152 0.69 15.40 3.00
C ILE A 152 1.60 15.46 1.74
N ALA A 153 2.59 14.58 1.69
CA ALA A 153 3.55 14.63 0.60
C ALA A 153 2.90 14.34 -0.74
N ALA A 154 1.98 13.35 -0.79
CA ALA A 154 1.24 13.07 -1.99
C ALA A 154 0.40 14.24 -2.48
N ALA A 155 -0.33 14.91 -1.58
CA ALA A 155 -1.14 16.06 -1.93
C ALA A 155 -0.24 17.17 -2.50
N HIS A 156 0.82 17.44 -1.77
CA HIS A 156 1.75 18.47 -2.24
C HIS A 156 2.41 18.16 -3.61
N ALA A 157 2.67 16.89 -3.86
CA ALA A 157 3.27 16.44 -5.10
C ALA A 157 2.33 16.65 -6.30
N VAL A 158 1.04 16.90 -6.08
CA VAL A 158 0.13 17.33 -7.13
C VAL A 158 -0.37 18.76 -7.01
N GLY A 159 0.28 19.57 -6.19
CA GLY A 159 -0.05 20.97 -6.08
C GLY A 159 -1.35 21.29 -5.35
N VAL A 160 -1.81 20.39 -4.47
CA VAL A 160 -3.03 20.64 -3.70
C VAL A 160 -2.78 20.61 -2.20
N ALA A 161 -3.65 21.30 -1.45
CA ALA A 161 -3.71 21.12 0.00
C ALA A 161 -4.37 19.78 0.30
N PRO A 162 -3.91 19.09 1.36
CA PRO A 162 -4.65 17.85 1.72
C PRO A 162 -6.15 18.02 1.89
N SER A 163 -6.61 19.18 2.42
CA SER A 163 -8.06 19.51 2.49
C SER A 163 -8.86 19.52 1.18
N GLU A 164 -8.17 19.57 0.03
CA GLU A 164 -8.78 19.40 -1.27
C GLU A 164 -8.79 17.96 -1.75
N SER A 165 -8.40 16.99 -0.89
CA SER A 165 -8.17 15.62 -1.30
C SER A 165 -9.00 14.58 -0.56
N ILE A 166 -9.26 13.49 -1.26
CA ILE A 166 -9.69 12.23 -0.65
C ILE A 166 -8.50 11.28 -0.58
N GLY A 167 -8.35 10.60 0.55
CA GLY A 167 -7.46 9.43 0.72
C GLY A 167 -8.22 8.11 0.69
N LEU A 168 -7.66 7.10 0.01
CA LEU A 168 -8.24 5.77 0.06
C LEU A 168 -7.27 4.80 0.74
N GLU A 169 -7.79 4.03 1.69
CA GLU A 169 -6.99 3.21 2.54
C GLU A 169 -7.77 1.97 3.01
N ASP A 170 -6.99 0.92 3.24
CA ASP A 170 -7.46 -0.36 3.76
C ASP A 170 -6.98 -0.60 5.20
N SER A 171 -6.12 0.27 5.75
CA SER A 171 -5.52 0.04 7.05
C SER A 171 -5.93 1.09 8.08
N GLN A 172 -6.09 0.68 9.34
CA GLN A 172 -6.42 1.59 10.42
C GLN A 172 -5.39 2.73 10.51
N ALA A 173 -4.10 2.40 10.53
CA ALA A 173 -3.05 3.45 10.65
C ALA A 173 -3.07 4.39 9.42
N GLY A 174 -3.42 3.85 8.26
CA GLY A 174 -3.60 4.67 7.04
C GLY A 174 -4.76 5.64 7.14
N ILE A 175 -5.88 5.15 7.68
CA ILE A 175 -7.02 6.01 7.90
C ILE A 175 -6.67 7.15 8.84
N GLN A 176 -5.89 6.85 9.88
CA GLN A 176 -5.45 7.85 10.83
C GLN A 176 -4.54 8.87 10.15
N ALA A 177 -3.65 8.38 9.29
CA ALA A 177 -2.74 9.26 8.56
C ALA A 177 -3.53 10.18 7.63
N ILE A 178 -4.50 9.65 6.90
CA ILE A 178 -5.37 10.49 6.09
C ILE A 178 -6.07 11.57 6.95
N LYS A 179 -6.74 11.17 8.03
CA LYS A 179 -7.41 12.13 8.94
C LYS A 179 -6.46 13.22 9.38
N ASP A 180 -5.29 12.85 9.84
CA ASP A 180 -4.35 13.85 10.39
C ASP A 180 -3.68 14.72 9.35
N SER A 181 -3.73 14.30 8.08
CA SER A 181 -3.28 15.14 6.97
C SER A 181 -4.21 16.33 6.63
N GLY A 182 -5.50 16.22 6.90
CA GLY A 182 -6.51 17.18 6.39
C GLY A 182 -7.40 16.63 5.32
N ALA A 183 -6.98 15.52 4.72
CA ALA A 183 -7.72 14.90 3.64
C ALA A 183 -8.88 14.12 4.22
N LEU A 184 -9.82 13.80 3.34
CA LEU A 184 -11.01 13.04 3.68
C LEU A 184 -10.84 11.54 3.42
N PRO A 185 -11.02 10.70 4.47
CA PRO A 185 -10.67 9.30 4.23
C PRO A 185 -11.88 8.54 3.79
N ILE A 186 -11.74 7.62 2.84
CA ILE A 186 -12.78 6.64 2.58
C ILE A 186 -12.13 5.24 2.62
N GLY A 187 -12.59 4.39 3.53
CA GLY A 187 -11.93 3.15 3.81
C GLY A 187 -12.53 2.03 3.01
N VAL A 188 -11.72 0.97 2.87
CA VAL A 188 -12.19 -0.30 2.32
C VAL A 188 -11.89 -1.40 3.38
N GLY A 189 -12.95 -2.04 3.86
CA GLY A 189 -12.84 -3.04 4.92
C GLY A 189 -14.04 -2.94 5.82
N ARG A 190 -13.81 -2.85 7.12
CA ARG A 190 -14.90 -2.84 8.10
C ARG A 190 -14.60 -1.87 9.22
N PRO A 191 -15.66 -1.34 9.86
CA PRO A 191 -15.46 -0.33 10.91
C PRO A 191 -14.74 -0.83 12.12
N GLU A 192 -14.97 -2.11 12.44
CA GLU A 192 -14.27 -2.78 13.54
C GLU A 192 -12.79 -2.52 13.43
N ASP A 193 -12.25 -2.53 12.21
CA ASP A 193 -10.80 -2.27 12.01
C ASP A 193 -10.50 -0.81 11.78
N LEU A 194 -11.33 -0.14 10.97
CA LEU A 194 -10.96 1.20 10.46
C LEU A 194 -11.51 2.38 11.26
N GLY A 195 -12.57 2.16 12.02
CA GLY A 195 -13.18 3.25 12.81
C GLY A 195 -14.63 3.46 12.46
N ASP A 196 -15.34 4.12 13.37
CA ASP A 196 -16.79 4.27 13.29
C ASP A 196 -17.22 5.65 12.79
N ASP A 197 -16.26 6.49 12.42
CA ASP A 197 -16.51 7.87 12.05
C ASP A 197 -16.12 8.21 10.61
N ILE A 198 -15.83 7.21 9.78
CA ILE A 198 -15.48 7.47 8.39
C ILE A 198 -16.38 6.64 7.52
N VAL A 199 -16.53 7.05 6.27
CA VAL A 199 -17.24 6.22 5.30
C VAL A 199 -16.34 5.04 4.89
N ILE A 200 -16.92 3.84 4.84
CA ILE A 200 -16.19 2.63 4.56
C ILE A 200 -17.00 1.83 3.56
N VAL A 201 -16.31 1.34 2.53
CA VAL A 201 -16.90 0.42 1.56
C VAL A 201 -16.40 -1.00 1.82
N PRO A 202 -17.20 -2.01 1.48
CA PRO A 202 -16.79 -3.38 1.81
C PRO A 202 -15.69 -3.93 0.93
N ASP A 203 -15.59 -3.45 -0.31
CA ASP A 203 -14.56 -3.87 -1.28
C ASP A 203 -14.41 -2.78 -2.32
N THR A 204 -13.37 -2.88 -3.14
CA THR A 204 -13.00 -1.77 -4.03
C THR A 204 -13.94 -1.55 -5.20
N SER A 205 -14.82 -2.51 -5.52
CA SER A 205 -15.83 -2.28 -6.57
C SER A 205 -16.74 -1.09 -6.22
N HIS A 206 -16.89 -0.79 -4.94
CA HIS A 206 -17.72 0.34 -4.48
C HIS A 206 -17.04 1.70 -4.64
N TYR A 207 -15.72 1.72 -4.75
CA TYR A 207 -15.04 2.96 -5.04
C TYR A 207 -15.35 3.37 -6.47
N THR A 208 -16.43 4.12 -6.66
CA THR A 208 -16.73 4.76 -7.95
C THR A 208 -16.60 6.27 -7.84
N LEU A 209 -16.37 6.93 -8.96
CA LEU A 209 -16.28 8.38 -8.95
C LEU A 209 -17.59 8.96 -8.41
N GLU A 210 -18.71 8.41 -8.87
CA GLU A 210 -20.04 8.83 -8.42
C GLU A 210 -20.09 8.73 -6.91
N PHE A 211 -19.68 7.59 -6.35
CA PHE A 211 -19.68 7.43 -4.89
C PHE A 211 -18.76 8.42 -4.17
N LEU A 212 -17.55 8.65 -4.67
CA LEU A 212 -16.67 9.62 -3.99
C LEU A 212 -17.26 11.03 -4.00
N LYS A 213 -17.88 11.42 -5.12
CA LYS A 213 -18.48 12.76 -5.24
C LYS A 213 -19.60 12.93 -4.21
N GLU A 214 -20.44 11.90 -4.05
CA GLU A 214 -21.54 11.89 -3.06
C GLU A 214 -21.02 11.96 -1.64
N VAL A 215 -19.92 11.25 -1.35
CA VAL A 215 -19.31 11.29 -0.02
C VAL A 215 -18.75 12.69 0.21
N TRP A 216 -18.07 13.24 -0.79
CA TRP A 216 -17.51 14.60 -0.65
C TRP A 216 -18.60 15.65 -0.33
N LEU A 217 -19.69 15.59 -1.08
CA LEU A 217 -20.81 16.50 -0.88
C LEU A 217 -21.49 16.30 0.48
N GLN A 218 -21.61 15.06 0.94
CA GLN A 218 -22.23 14.79 2.25
C GLN A 218 -21.34 15.08 3.47
N LYS A 219 -20.03 15.28 3.30
CA LYS A 219 -19.13 15.48 4.44
C LYS A 219 -18.69 16.93 4.56
MG MG B . -2.75 -0.61 2.41
F1 MGF C . 0.50 0.45 -0.28
MG MGF C . -0.10 1.03 1.43
F2 MGF C . -1.06 -0.49 2.08
F3 MGF C . 1.21 1.93 2.40
C1 EDO D . 3.88 8.35 -12.52
O1 EDO D . 5.04 8.48 -13.32
C2 EDO D . 4.03 9.28 -11.35
O2 EDO D . 4.33 10.59 -11.81
#